data_9GG7
#
_entry.id   9GG7
#
_cell.length_a   69.240
_cell.length_b   62.472
_cell.length_c   69.291
_cell.angle_alpha   90.00
_cell.angle_beta   107.67
_cell.angle_gamma   90.00
#
_symmetry.space_group_name_H-M   'P 1 21 1'
#
loop_
_entity.id
_entity.type
_entity.pdbx_description
1 polymer '14-3-3 protein sigma'
2 polymer 'Isoform Tau-G of Microtubule-associated protein tau'
3 non-polymer 4-(3,4-dihydro-2~{H}-quinoxalin-1-ylsulfonyl)benzaldehyde
4 water water
#
loop_
_entity_poly.entity_id
_entity_poly.type
_entity_poly.pdbx_seq_one_letter_code
_entity_poly.pdbx_strand_id
1 'polypeptide(L)'
;GAMGSMERASLIQKAKLAEQAERYEDMAAFMKGAVEKGEELSNEERNLLSVAYKNVVGGQRAAWRVLSSIEQKSNEEGSE
EKGPEVREYREKVETELQGVCDTVLGLLDSHLIKEAGDAESRVFYLKMKGDYYRYLAEVATGDDKKRIIDSARSAYQEAM
DISKKEMPPTNPIRLGLALNFSVFHYEIANSPEEAISLAKTTFDEAMADLHTLSEDSYKDSTLIMQLLRDNLTLWT
;
A,B
2 'polypeptide(L)' VTSKCG(SEP)LGNIHHK C,P
#
# COMPACT_ATOMS: atom_id res chain seq x y z
N GLY A 1 -18.81 -16.59 -4.31
CA GLY A 1 -17.68 -15.70 -4.00
C GLY A 1 -17.17 -16.00 -2.60
N ALA A 2 -15.93 -15.59 -2.32
CA ALA A 2 -15.19 -16.01 -1.16
C ALA A 2 -15.86 -15.46 0.12
N MET A 3 -16.66 -14.39 0.02
CA MET A 3 -17.31 -13.85 1.20
C MET A 3 -18.74 -14.34 1.40
N GLY A 4 -19.19 -15.28 0.57
CA GLY A 4 -20.55 -15.81 0.66
C GLY A 4 -20.96 -16.39 2.02
N SER A 5 -19.99 -16.95 2.78
CA SER A 5 -20.28 -17.58 4.04
C SER A 5 -20.22 -16.61 5.22
N MET A 6 -19.78 -15.36 5.03
CA MET A 6 -19.65 -14.45 6.15
C MET A 6 -20.91 -13.59 6.26
N GLU A 7 -21.36 -13.36 7.48
CA GLU A 7 -22.45 -12.45 7.77
C GLU A 7 -22.20 -11.07 7.21
N ARG A 8 -23.30 -10.46 6.73
CA ARG A 8 -23.24 -9.07 6.26
C ARG A 8 -22.64 -8.19 7.32
N ALA A 9 -23.15 -8.29 8.56
CA ALA A 9 -22.69 -7.35 9.56
C ALA A 9 -21.19 -7.55 9.87
N SER A 10 -20.71 -8.80 9.80
CA SER A 10 -19.31 -9.13 10.01
C SER A 10 -18.42 -8.57 8.89
N LEU A 11 -18.94 -8.58 7.67
CA LEU A 11 -18.22 -8.00 6.54
C LEU A 11 -18.07 -6.49 6.74
N ILE A 12 -19.14 -5.82 7.20
CA ILE A 12 -19.03 -4.37 7.45
C ILE A 12 -18.07 -4.06 8.57
N GLN A 13 -18.15 -4.87 9.65
CA GLN A 13 -17.21 -4.70 10.78
C GLN A 13 -15.76 -4.84 10.29
N LYS A 14 -15.50 -5.91 9.51
CA LYS A 14 -14.15 -6.14 9.06
C LYS A 14 -13.70 -5.11 8.04
N ALA A 15 -14.64 -4.55 7.24
CA ALA A 15 -14.27 -3.45 6.36
C ALA A 15 -13.74 -2.28 7.19
N LYS A 16 -14.37 -1.98 8.32
CA LYS A 16 -13.97 -0.85 9.13
C LYS A 16 -12.60 -1.16 9.73
N LEU A 17 -12.40 -2.38 10.20
CA LEU A 17 -11.07 -2.81 10.70
C LEU A 17 -9.96 -2.71 9.65
N ALA A 18 -10.32 -3.14 8.42
CA ALA A 18 -9.37 -3.08 7.33
C ALA A 18 -8.97 -1.65 7.06
N GLU A 19 -9.95 -0.74 7.05
CA GLU A 19 -9.62 0.66 6.87
C GLU A 19 -8.59 1.10 7.92
N GLN A 20 -8.83 0.76 9.18
CA GLN A 20 -7.95 1.22 10.27
C GLN A 20 -6.55 0.67 10.08
N ALA A 21 -6.45 -0.54 9.51
CA ALA A 21 -5.18 -1.22 9.28
C ALA A 21 -4.55 -0.81 7.94
N GLU A 22 -5.19 0.09 7.20
CA GLU A 22 -4.82 0.51 5.83
C GLU A 22 -4.63 -0.71 4.91
N ARG A 23 -5.56 -1.65 5.01
CA ARG A 23 -5.62 -2.85 4.18
C ARG A 23 -6.78 -2.68 3.21
N TYR A 24 -6.58 -1.84 2.21
CA TYR A 24 -7.70 -1.43 1.39
C TYR A 24 -8.15 -2.51 0.42
N GLU A 25 -7.23 -3.38 -0.05
CA GLU A 25 -7.65 -4.51 -0.88
C GLU A 25 -8.62 -5.37 -0.06
N ASP A 26 -8.26 -5.68 1.18
CA ASP A 26 -9.18 -6.43 2.03
C ASP A 26 -10.50 -5.66 2.22
N MET A 27 -10.41 -4.37 2.50
CA MET A 27 -11.58 -3.54 2.69
C MET A 27 -12.55 -3.68 1.51
N ALA A 28 -11.96 -3.60 0.31
CA ALA A 28 -12.79 -3.68 -0.89
C ALA A 28 -13.42 -5.06 -1.02
N ALA A 29 -12.67 -6.13 -0.70
CA ALA A 29 -13.23 -7.46 -0.81
C ALA A 29 -14.38 -7.65 0.20
N PHE A 30 -14.22 -7.13 1.39
CA PHE A 30 -15.30 -7.20 2.39
C PHE A 30 -16.54 -6.44 1.88
N MET A 31 -16.31 -5.22 1.37
CA MET A 31 -17.46 -4.43 0.91
C MET A 31 -18.12 -5.05 -0.32
N LYS A 32 -17.35 -5.63 -1.24
CA LYS A 32 -17.95 -6.40 -2.34
C LYS A 32 -18.85 -7.51 -1.81
N GLY A 33 -18.32 -8.24 -0.83
CA GLY A 33 -19.11 -9.29 -0.20
C GLY A 33 -20.40 -8.73 0.38
N ALA A 34 -20.33 -7.59 1.06
CA ALA A 34 -21.53 -6.99 1.64
C ALA A 34 -22.54 -6.62 0.56
N VAL A 35 -22.06 -5.97 -0.50
CA VAL A 35 -22.96 -5.61 -1.61
C VAL A 35 -23.63 -6.87 -2.14
N GLU A 36 -22.85 -7.94 -2.33
CA GLU A 36 -23.40 -9.16 -2.91
C GLU A 36 -24.44 -9.87 -2.03
N LYS A 37 -24.60 -9.44 -0.77
CA LYS A 37 -25.69 -9.96 0.05
C LYS A 37 -27.05 -9.58 -0.51
N GLY A 38 -27.10 -8.51 -1.35
CA GLY A 38 -28.30 -8.18 -2.11
C GLY A 38 -29.13 -7.09 -1.46
N GLU A 39 -28.80 -6.67 -0.22
CA GLU A 39 -29.57 -5.63 0.41
C GLU A 39 -29.01 -4.27 -0.01
N GLU A 40 -29.84 -3.24 0.05
CA GLU A 40 -29.37 -1.88 -0.18
C GLU A 40 -28.34 -1.48 0.89
N LEU A 41 -27.52 -0.50 0.57
CA LEU A 41 -26.46 0.00 1.44
C LEU A 41 -26.94 1.27 2.12
N SER A 42 -26.54 1.43 3.37
CA SER A 42 -26.78 2.67 4.09
C SER A 42 -25.80 3.74 3.63
N ASN A 43 -26.01 5.00 4.08
CA ASN A 43 -25.07 6.07 3.78
C ASN A 43 -23.65 5.67 4.17
N GLU A 44 -23.48 5.22 5.41
CA GLU A 44 -22.16 4.90 5.93
C GLU A 44 -21.56 3.78 5.09
N GLU A 45 -22.36 2.77 4.75
CA GLU A 45 -21.87 1.62 3.99
C GLU A 45 -21.45 2.02 2.56
N ARG A 46 -22.21 2.90 1.90
CA ARG A 46 -21.84 3.44 0.61
C ARG A 46 -20.48 4.12 0.70
N ASN A 47 -20.24 4.88 1.76
CA ASN A 47 -18.99 5.56 1.93
C ASN A 47 -17.85 4.55 2.13
N LEU A 48 -18.08 3.47 2.85
CA LEU A 48 -17.05 2.44 3.02
C LEU A 48 -16.71 1.83 1.68
N LEU A 49 -17.73 1.52 0.87
CA LEU A 49 -17.50 0.95 -0.45
C LEU A 49 -16.62 1.87 -1.28
N SER A 50 -16.97 3.16 -1.30
CA SER A 50 -16.24 4.12 -2.10
C SER A 50 -14.81 4.30 -1.60
N VAL A 51 -14.62 4.41 -0.31
CA VAL A 51 -13.29 4.57 0.22
C VAL A 51 -12.41 3.37 -0.13
N ALA A 52 -12.97 2.18 -0.07
CA ALA A 52 -12.17 1.00 -0.28
C ALA A 52 -11.66 1.00 -1.71
N TYR A 53 -12.59 1.12 -2.68
CA TYR A 53 -12.21 1.04 -4.08
C TYR A 53 -11.41 2.25 -4.49
N LYS A 54 -11.66 3.44 -3.95
CA LYS A 54 -10.82 4.59 -4.27
C LYS A 54 -9.37 4.31 -3.96
N ASN A 55 -9.08 3.75 -2.77
CA ASN A 55 -7.72 3.44 -2.38
C ASN A 55 -7.13 2.38 -3.30
N VAL A 56 -7.89 1.32 -3.62
CA VAL A 56 -7.32 0.29 -4.46
C VAL A 56 -7.00 0.87 -5.82
N VAL A 57 -7.97 1.52 -6.46
CA VAL A 57 -7.76 1.99 -7.82
C VAL A 57 -6.77 3.13 -7.81
N GLY A 58 -6.72 3.92 -6.73
CA GLY A 58 -5.78 5.04 -6.67
C GLY A 58 -4.34 4.55 -6.71
N GLY A 59 -4.00 3.45 -5.98
CA GLY A 59 -2.69 2.86 -6.06
C GLY A 59 -2.41 2.42 -7.49
N GLN A 60 -3.37 1.80 -8.14
CA GLN A 60 -3.14 1.28 -9.49
C GLN A 60 -2.89 2.44 -10.46
N ARG A 61 -3.70 3.51 -10.38
CA ARG A 61 -3.60 4.65 -11.28
C ARG A 61 -2.24 5.30 -11.06
N ALA A 62 -1.81 5.46 -9.81
CA ALA A 62 -0.52 6.08 -9.57
C ALA A 62 0.59 5.21 -10.17
N ALA A 63 0.48 3.88 -10.04
CA ALA A 63 1.46 2.98 -10.63
C ALA A 63 1.46 3.10 -12.13
N TRP A 64 0.27 3.04 -12.74
CA TRP A 64 0.10 3.16 -14.17
C TRP A 64 0.75 4.44 -14.71
N ARG A 65 0.57 5.56 -13.99
CA ARG A 65 1.13 6.81 -14.48
C ARG A 65 2.66 6.78 -14.42
N VAL A 66 3.23 6.17 -13.39
CA VAL A 66 4.67 6.04 -13.29
C VAL A 66 5.16 5.26 -14.51
N LEU A 67 4.54 4.12 -14.76
CA LEU A 67 4.98 3.21 -15.80
C LEU A 67 4.78 3.80 -17.20
N SER A 68 3.63 4.43 -17.43
CA SER A 68 3.36 5.11 -18.69
C SER A 68 4.42 6.15 -18.99
N SER A 69 4.84 6.89 -17.97
CA SER A 69 5.81 7.95 -18.15
C SER A 69 7.15 7.35 -18.54
N ILE A 70 7.55 6.26 -17.89
CA ILE A 70 8.77 5.58 -18.27
C ILE A 70 8.64 5.09 -19.71
N GLU A 71 7.48 4.53 -20.04
CA GLU A 71 7.27 3.96 -21.38
C GLU A 71 7.35 5.07 -22.42
N GLN A 72 6.81 6.25 -22.09
CA GLN A 72 6.75 7.34 -23.05
C GLN A 72 8.17 7.79 -23.32
N LYS A 73 8.98 7.84 -22.26
CA LYS A 73 10.39 8.24 -22.36
C LYS A 73 11.17 7.25 -23.22
N SER A 74 10.95 5.95 -23.01
CA SER A 74 11.63 4.91 -23.78
C SER A 74 11.38 5.10 -25.27
N ASN A 75 10.14 5.45 -25.64
CA ASN A 75 9.75 5.61 -27.03
C ASN A 75 9.93 7.07 -27.43
N GLU A 76 11.09 7.36 -28.04
CA GLU A 76 11.46 8.71 -28.45
C GLU A 76 12.63 8.56 -29.42
N GLY A 78 16.81 8.95 -29.65
CA GLY A 78 17.99 8.94 -28.79
C GLY A 78 17.80 8.06 -27.55
N SER A 79 16.67 7.34 -27.50
CA SER A 79 16.38 6.47 -26.38
C SER A 79 16.90 5.07 -26.69
N GLU A 80 17.51 4.41 -25.70
CA GLU A 80 18.08 3.09 -25.89
C GLU A 80 16.96 2.06 -25.77
N GLU A 81 16.99 1.06 -26.66
CA GLU A 81 15.96 0.03 -26.72
C GLU A 81 16.16 -0.93 -25.56
N GLY A 83 13.75 -3.31 -24.66
CA GLY A 83 12.95 -4.51 -24.86
C GLY A 83 11.51 -4.31 -24.45
N PRO A 84 10.69 -5.36 -24.40
CA PRO A 84 9.27 -5.23 -24.14
C PRO A 84 8.83 -5.06 -22.69
N GLU A 85 9.77 -5.09 -21.74
CA GLU A 85 9.43 -5.22 -20.33
C GLU A 85 8.59 -4.06 -19.79
N VAL A 86 8.91 -2.83 -20.21
CA VAL A 86 8.19 -1.69 -19.65
C VAL A 86 6.75 -1.75 -20.12
N ARG A 87 6.54 -1.99 -21.40
CA ARG A 87 5.20 -2.10 -21.96
C ARG A 87 4.46 -3.25 -21.30
N GLU A 88 5.09 -4.43 -21.19
CA GLU A 88 4.42 -5.57 -20.62
C GLU A 88 3.96 -5.27 -19.19
N TYR A 89 4.83 -4.60 -18.42
CA TYR A 89 4.51 -4.36 -17.02
C TYR A 89 3.41 -3.31 -16.91
N ARG A 90 3.49 -2.25 -17.72
CA ARG A 90 2.40 -1.24 -17.75
C ARG A 90 1.08 -1.93 -18.13
N GLU A 91 1.12 -2.86 -19.07
CA GLU A 91 -0.07 -3.57 -19.48
C GLU A 91 -0.63 -4.43 -18.34
N LYS A 92 0.26 -5.03 -17.57
CA LYS A 92 -0.14 -5.86 -16.45
C LYS A 92 -0.89 -4.99 -15.42
N VAL A 93 -0.28 -3.87 -15.05
CA VAL A 93 -0.97 -2.99 -14.13
C VAL A 93 -2.26 -2.44 -14.74
N GLU A 94 -2.26 -2.11 -16.03
CA GLU A 94 -3.47 -1.61 -16.69
C GLU A 94 -4.62 -2.61 -16.63
N THR A 95 -4.33 -3.88 -16.95
CA THR A 95 -5.31 -4.93 -16.95
C THR A 95 -5.89 -5.08 -15.55
N GLU A 96 -5.03 -5.03 -14.52
CA GLU A 96 -5.51 -5.17 -13.14
C GLU A 96 -6.45 -4.03 -12.80
N LEU A 97 -6.06 -2.79 -13.16
CA LEU A 97 -6.85 -1.58 -12.94
C LEU A 97 -8.20 -1.76 -13.61
N GLN A 98 -8.23 -2.19 -14.87
CA GLN A 98 -9.44 -2.33 -15.63
C GLN A 98 -10.34 -3.36 -14.96
N GLY A 99 -9.73 -4.42 -14.44
CA GLY A 99 -10.51 -5.43 -13.75
C GLY A 99 -11.16 -4.87 -12.49
N VAL A 100 -10.48 -4.05 -11.72
CA VAL A 100 -11.10 -3.45 -10.53
C VAL A 100 -12.24 -2.53 -10.98
N CYS A 101 -12.02 -1.71 -12.02
CA CYS A 101 -13.10 -0.86 -12.48
C CYS A 101 -14.29 -1.65 -12.96
N ASP A 102 -14.06 -2.77 -13.65
CA ASP A 102 -15.15 -3.58 -14.14
C ASP A 102 -15.91 -4.19 -12.96
N THR A 103 -15.15 -4.51 -11.91
CA THR A 103 -15.77 -5.10 -10.71
C THR A 103 -16.71 -4.05 -10.10
N VAL A 104 -16.25 -2.82 -9.94
CA VAL A 104 -17.09 -1.81 -9.31
C VAL A 104 -18.31 -1.54 -10.19
N LEU A 105 -18.13 -1.41 -11.50
CA LEU A 105 -19.23 -1.15 -12.40
C LEU A 105 -20.23 -2.29 -12.35
N GLY A 106 -19.70 -3.51 -12.21
CA GLY A 106 -20.58 -4.65 -12.11
C GLY A 106 -21.47 -4.61 -10.88
N LEU A 107 -20.90 -4.20 -9.73
CA LEU A 107 -21.68 -4.06 -8.53
C LEU A 107 -22.75 -3.01 -8.74
N LEU A 108 -22.39 -1.89 -9.37
CA LEU A 108 -23.34 -0.81 -9.59
C LEU A 108 -24.47 -1.30 -10.48
N ASP A 109 -24.16 -2.11 -11.48
CA ASP A 109 -25.16 -2.55 -12.44
C ASP A 109 -25.93 -3.75 -11.91
N SER A 110 -25.37 -4.45 -10.92
CA SER A 110 -26.00 -5.69 -10.45
C SER A 110 -25.94 -5.70 -8.93
N HIS A 111 -26.76 -4.91 -8.22
CA HIS A 111 -27.97 -4.24 -8.69
C HIS A 111 -28.16 -2.93 -7.96
N LEU A 112 -27.04 -2.28 -7.58
CA LEU A 112 -27.14 -1.12 -6.70
C LEU A 112 -27.91 0.05 -7.29
N ILE A 113 -27.64 0.42 -8.54
CA ILE A 113 -28.30 1.59 -9.12
C ILE A 113 -29.79 1.32 -9.23
N LYS A 114 -30.18 0.17 -9.79
CA LYS A 114 -31.60 -0.05 -10.01
C LYS A 114 -32.42 -0.02 -8.73
N GLU A 115 -31.85 -0.40 -7.59
CA GLU A 115 -32.63 -0.42 -6.36
C GLU A 115 -32.57 0.92 -5.62
N ALA A 116 -31.77 1.88 -6.14
CA ALA A 116 -31.55 3.14 -5.44
C ALA A 116 -32.59 4.15 -5.88
N GLY A 117 -33.58 4.40 -5.01
CA GLY A 117 -34.64 5.36 -5.31
C GLY A 117 -34.45 6.72 -4.67
N ASP A 118 -33.79 6.78 -3.51
CA ASP A 118 -33.62 8.09 -2.92
C ASP A 118 -32.55 8.85 -3.68
N ALA A 119 -32.66 10.18 -3.77
CA ALA A 119 -31.72 10.96 -4.55
C ALA A 119 -30.31 10.75 -4.03
N GLU A 120 -30.12 10.69 -2.72
CA GLU A 120 -28.81 10.60 -2.11
C GLU A 120 -28.13 9.32 -2.60
N SER A 121 -28.84 8.22 -2.59
CA SER A 121 -28.21 6.97 -2.94
C SER A 121 -27.98 6.92 -4.45
N ARG A 122 -28.98 7.31 -5.24
CA ARG A 122 -28.95 7.19 -6.69
C ARG A 122 -27.84 8.09 -7.27
N VAL A 123 -27.71 9.34 -6.78
CA VAL A 123 -26.68 10.25 -7.21
C VAL A 123 -25.32 9.67 -6.79
N PHE A 124 -25.19 9.14 -5.56
CA PHE A 124 -23.94 8.56 -5.09
C PHE A 124 -23.48 7.48 -6.09
N TYR A 125 -24.36 6.58 -6.46
CA TYR A 125 -23.96 5.47 -7.27
C TYR A 125 -23.72 5.89 -8.72
N LEU A 126 -24.46 6.87 -9.28
CA LEU A 126 -24.22 7.35 -10.63
C LEU A 126 -22.90 8.12 -10.72
N LYS A 127 -22.57 8.86 -9.64
CA LYS A 127 -21.26 9.50 -9.54
C LYS A 127 -20.15 8.45 -9.58
N MET A 128 -20.30 7.38 -8.79
CA MET A 128 -19.34 6.28 -8.78
C MET A 128 -19.21 5.70 -10.20
N LYS A 129 -20.32 5.51 -10.90
CA LYS A 129 -20.30 4.96 -12.22
C LYS A 129 -19.51 5.88 -13.16
N GLY A 130 -19.76 7.19 -13.06
CA GLY A 130 -18.97 8.15 -13.82
C GLY A 130 -17.48 8.01 -13.54
N ASP A 131 -17.14 7.96 -12.27
CA ASP A 131 -15.76 7.95 -11.83
C ASP A 131 -15.05 6.71 -12.39
N TYR A 132 -15.69 5.52 -12.34
CA TYR A 132 -14.97 4.29 -12.71
C TYR A 132 -14.91 4.18 -14.22
N TYR A 133 -15.89 4.70 -14.96
CA TYR A 133 -15.69 4.87 -16.41
C TYR A 133 -14.59 5.89 -16.70
N ARG A 134 -14.48 6.95 -15.88
CA ARG A 134 -13.40 7.94 -16.07
C ARG A 134 -12.03 7.25 -15.90
N TYR A 135 -11.90 6.40 -14.89
CA TYR A 135 -10.63 5.68 -14.73
C TYR A 135 -10.37 4.75 -15.90
N LEU A 136 -11.39 4.10 -16.45
CA LEU A 136 -11.23 3.30 -17.65
C LEU A 136 -10.75 4.19 -18.80
N ALA A 137 -11.34 5.40 -18.89
CA ALA A 137 -11.00 6.34 -19.98
C ALA A 137 -9.55 6.79 -19.90
N GLU A 138 -9.03 6.93 -18.70
CA GLU A 138 -7.67 7.41 -18.50
C GLU A 138 -6.66 6.50 -19.22
N VAL A 139 -6.95 5.20 -19.32
CA VAL A 139 -6.02 4.26 -19.91
C VAL A 139 -6.49 3.74 -21.27
N ALA A 140 -7.65 4.17 -21.76
CA ALA A 140 -8.27 3.68 -22.98
C ALA A 140 -7.61 4.28 -24.22
N THR A 141 -7.43 3.41 -25.22
CA THR A 141 -6.90 3.77 -26.54
C THR A 141 -7.52 2.92 -27.66
N GLY A 142 -8.59 2.15 -27.42
CA GLY A 142 -9.12 1.25 -28.45
C GLY A 142 -10.36 1.80 -29.17
N ASP A 143 -10.99 0.90 -29.95
CA ASP A 143 -12.16 1.25 -30.78
C ASP A 143 -13.32 1.76 -29.91
N ASP A 144 -13.30 1.39 -28.62
CA ASP A 144 -14.40 1.67 -27.71
C ASP A 144 -14.08 2.86 -26.80
N LYS A 145 -12.95 3.56 -26.99
CA LYS A 145 -12.54 4.65 -26.11
C LYS A 145 -13.52 5.84 -26.06
N LYS A 146 -14.05 6.22 -27.22
CA LYS A 146 -15.08 7.23 -27.25
C LYS A 146 -16.30 6.74 -26.50
N ARG A 147 -16.66 5.45 -26.60
CA ARG A 147 -17.84 4.91 -25.96
C ARG A 147 -17.55 4.92 -24.44
N ILE A 148 -16.29 4.73 -24.00
CA ILE A 148 -16.03 4.72 -22.57
C ILE A 148 -16.22 6.12 -22.04
N ILE A 149 -15.72 7.11 -22.78
CA ILE A 149 -15.87 8.49 -22.42
C ILE A 149 -17.34 8.85 -22.35
N ASP A 150 -18.13 8.42 -23.35
CA ASP A 150 -19.52 8.76 -23.33
C ASP A 150 -20.27 8.09 -22.18
N SER A 151 -19.84 6.88 -21.80
CA SER A 151 -20.39 6.20 -20.65
C SER A 151 -20.14 7.00 -19.37
N ALA A 152 -18.96 7.53 -19.17
CA ALA A 152 -18.72 8.39 -17.99
C ALA A 152 -19.59 9.63 -18.05
N ARG A 153 -19.62 10.29 -19.20
N ARG A 153 -19.62 10.29 -19.20
CA ARG A 153 -20.39 11.55 -19.37
CA ARG A 153 -20.40 11.54 -19.37
C ARG A 153 -21.87 11.29 -19.06
C ARG A 153 -21.87 11.29 -19.06
N SER A 154 -22.42 10.19 -19.57
CA SER A 154 -23.86 9.90 -19.40
C SER A 154 -24.18 9.66 -17.92
N ALA A 155 -23.35 8.87 -17.26
CA ALA A 155 -23.57 8.64 -15.83
C ALA A 155 -23.48 9.95 -15.00
N TYR A 156 -22.45 10.73 -15.27
CA TYR A 156 -22.31 12.00 -14.57
C TYR A 156 -23.47 12.96 -14.86
N GLN A 157 -23.97 12.92 -16.10
CA GLN A 157 -25.02 13.84 -16.50
C GLN A 157 -26.30 13.44 -15.79
N GLU A 158 -26.63 12.15 -15.76
CA GLU A 158 -27.82 11.70 -15.06
C GLU A 158 -27.75 12.08 -13.58
N ALA A 159 -26.57 11.89 -12.97
CA ALA A 159 -26.38 12.27 -11.56
C ALA A 159 -26.60 13.76 -11.37
N MET A 160 -26.07 14.56 -12.31
CA MET A 160 -26.16 16.02 -12.23
C MET A 160 -27.61 16.41 -12.31
N ASP A 161 -28.34 15.76 -13.21
CA ASP A 161 -29.71 16.18 -13.39
C ASP A 161 -30.53 15.87 -12.14
N ILE A 162 -30.30 14.73 -11.47
CA ILE A 162 -31.05 14.40 -10.27
C ILE A 162 -30.65 15.35 -9.13
N SER A 163 -29.34 15.60 -9.00
CA SER A 163 -28.78 16.36 -7.91
C SER A 163 -29.35 17.78 -7.95
N LYS A 164 -29.49 18.37 -9.15
CA LYS A 164 -29.97 19.75 -9.26
C LYS A 164 -31.43 19.80 -8.84
N LYS A 165 -32.20 18.75 -9.11
CA LYS A 165 -33.63 18.78 -8.82
C LYS A 165 -33.89 18.46 -7.35
N GLU A 166 -33.08 17.57 -6.74
CA GLU A 166 -33.46 16.95 -5.48
C GLU A 166 -32.57 17.35 -4.31
N MET A 167 -31.40 17.95 -4.54
CA MET A 167 -30.47 18.26 -3.46
C MET A 167 -30.13 19.73 -3.40
N PRO A 168 -29.81 20.27 -2.20
CA PRO A 168 -29.39 21.66 -2.08
C PRO A 168 -28.00 21.79 -2.70
N PRO A 169 -27.64 23.00 -3.13
CA PRO A 169 -26.36 23.21 -3.79
C PRO A 169 -25.15 22.98 -2.90
N THR A 170 -25.33 22.87 -1.57
CA THR A 170 -24.25 22.57 -0.66
C THR A 170 -24.16 21.09 -0.32
N ASN A 171 -25.10 20.24 -0.78
CA ASN A 171 -25.04 18.83 -0.46
C ASN A 171 -23.67 18.27 -0.85
N PRO A 172 -22.89 17.65 0.07
CA PRO A 172 -21.55 17.20 -0.32
C PRO A 172 -21.43 16.21 -1.47
N ILE A 173 -22.45 15.34 -1.60
CA ILE A 173 -22.44 14.44 -2.74
C ILE A 173 -22.64 15.24 -4.03
N ARG A 174 -23.59 16.15 -4.03
CA ARG A 174 -23.76 17.05 -5.16
C ARG A 174 -22.50 17.84 -5.49
N LEU A 175 -21.80 18.32 -4.47
CA LEU A 175 -20.55 19.04 -4.67
C LEU A 175 -19.45 18.14 -5.19
N GLY A 176 -19.30 16.93 -4.59
CA GLY A 176 -18.30 15.98 -5.08
C GLY A 176 -18.52 15.56 -6.53
N LEU A 177 -19.78 15.34 -6.87
CA LEU A 177 -20.18 15.04 -8.23
C LEU A 177 -19.69 16.13 -9.16
N ALA A 178 -20.10 17.38 -8.89
CA ALA A 178 -19.76 18.49 -9.76
C ALA A 178 -18.25 18.62 -9.87
N LEU A 179 -17.54 18.44 -8.75
CA LEU A 179 -16.09 18.48 -8.76
C LEU A 179 -15.55 17.42 -9.76
N ASN A 180 -16.01 16.18 -9.60
CA ASN A 180 -15.49 15.10 -10.40
C ASN A 180 -15.89 15.21 -11.87
N PHE A 181 -17.08 15.74 -12.16
CA PHE A 181 -17.51 15.95 -13.53
C PHE A 181 -16.64 17.06 -14.11
N SER A 182 -16.27 18.07 -13.32
CA SER A 182 -15.40 19.12 -13.83
C SER A 182 -14.05 18.53 -14.21
N VAL A 183 -13.52 17.62 -13.37
CA VAL A 183 -12.25 16.96 -13.68
C VAL A 183 -12.37 16.12 -14.96
N PHE A 184 -13.46 15.37 -15.14
CA PHE A 184 -13.79 14.70 -16.38
C PHE A 184 -13.67 15.67 -17.54
N HIS A 185 -14.30 16.84 -17.47
CA HIS A 185 -14.29 17.77 -18.60
C HIS A 185 -12.88 18.24 -18.90
N TYR A 186 -12.12 18.52 -17.85
CA TYR A 186 -10.78 19.06 -18.03
C TYR A 186 -9.81 18.01 -18.58
N GLU A 187 -9.77 16.84 -17.94
CA GLU A 187 -8.72 15.85 -18.14
C GLU A 187 -9.07 14.81 -19.18
N ILE A 188 -10.35 14.56 -19.43
CA ILE A 188 -10.77 13.44 -20.27
C ILE A 188 -11.42 13.94 -21.55
N ALA A 189 -12.33 14.91 -21.42
CA ALA A 189 -13.17 15.31 -22.53
C ALA A 189 -12.54 16.48 -23.29
N ASN A 190 -11.34 16.93 -22.94
CA ASN A 190 -10.71 18.05 -23.67
C ASN A 190 -11.65 19.28 -23.69
N SER A 191 -12.35 19.52 -22.58
CA SER A 191 -13.28 20.66 -22.48
C SER A 191 -12.92 21.52 -21.28
N PRO A 192 -11.74 22.18 -21.22
CA PRO A 192 -11.38 22.98 -20.06
C PRO A 192 -12.40 24.08 -19.79
N GLU A 193 -13.00 24.70 -20.81
CA GLU A 193 -13.91 25.80 -20.51
C GLU A 193 -15.18 25.29 -19.82
N GLU A 194 -15.68 24.11 -20.16
CA GLU A 194 -16.81 23.48 -19.49
C GLU A 194 -16.41 23.16 -18.06
N ALA A 195 -15.22 22.64 -17.88
CA ALA A 195 -14.69 22.37 -16.54
C ALA A 195 -14.70 23.60 -15.64
N ILE A 196 -14.14 24.70 -16.15
CA ILE A 196 -14.06 25.97 -15.43
C ILE A 196 -15.48 26.47 -15.14
N SER A 197 -16.37 26.47 -16.10
CA SER A 197 -17.69 27.00 -15.90
C SER A 197 -18.42 26.21 -14.82
N LEU A 198 -18.33 24.86 -14.93
CA LEU A 198 -19.03 24.04 -13.96
C LEU A 198 -18.48 24.29 -12.57
N ALA A 199 -17.17 24.34 -12.42
CA ALA A 199 -16.60 24.51 -11.09
C ALA A 199 -17.04 25.87 -10.51
N LYS A 200 -17.02 26.93 -11.34
CA LYS A 200 -17.36 28.29 -10.90
C LYS A 200 -18.83 28.34 -10.46
N THR A 201 -19.72 27.87 -11.31
CA THR A 201 -21.14 27.90 -11.00
C THR A 201 -21.40 27.07 -9.74
N THR A 202 -20.78 25.90 -9.60
CA THR A 202 -21.00 25.05 -8.44
C THR A 202 -20.56 25.79 -7.20
N PHE A 203 -19.37 26.42 -7.25
CA PHE A 203 -18.82 27.12 -6.10
C PHE A 203 -19.76 28.25 -5.70
N ASP A 204 -20.25 29.02 -6.67
CA ASP A 204 -20.98 30.23 -6.36
C ASP A 204 -22.35 29.86 -5.79
N GLU A 205 -22.97 28.83 -6.33
CA GLU A 205 -24.29 28.42 -5.87
C GLU A 205 -24.19 27.81 -4.48
N ALA A 206 -23.10 27.13 -4.21
CA ALA A 206 -22.86 26.62 -2.87
C ALA A 206 -22.64 27.78 -1.88
N MET A 207 -21.79 28.71 -2.27
CA MET A 207 -21.50 29.87 -1.37
C MET A 207 -22.82 30.49 -0.91
N ALA A 208 -23.77 30.67 -1.81
CA ALA A 208 -25.00 31.37 -1.52
C ALA A 208 -25.92 30.59 -0.62
N ASP A 209 -25.65 29.28 -0.41
CA ASP A 209 -26.50 28.38 0.37
C ASP A 209 -25.88 28.07 1.75
N LEU A 210 -24.64 28.49 1.97
CA LEU A 210 -23.95 28.19 3.21
C LEU A 210 -24.72 28.68 4.43
N HIS A 211 -25.47 29.79 4.27
CA HIS A 211 -26.09 30.43 5.42
C HIS A 211 -27.11 29.49 6.04
N THR A 212 -27.58 28.47 5.31
CA THR A 212 -28.66 27.60 5.78
C THR A 212 -28.10 26.48 6.65
N LEU A 213 -26.77 26.34 6.73
CA LEU A 213 -26.16 25.14 7.26
C LEU A 213 -25.79 25.30 8.73
N SER A 214 -25.75 24.14 9.41
CA SER A 214 -25.12 24.01 10.71
C SER A 214 -23.62 24.08 10.55
N GLU A 215 -22.89 24.24 11.66
CA GLU A 215 -21.45 24.30 11.64
C GLU A 215 -20.85 23.02 11.03
N ASP A 216 -21.37 21.85 11.39
CA ASP A 216 -20.82 20.59 10.90
C ASP A 216 -21.03 20.43 9.40
N SER A 217 -22.22 20.78 8.91
CA SER A 217 -22.52 20.71 7.49
C SER A 217 -21.67 21.73 6.72
N TYR A 218 -21.54 22.92 7.31
CA TYR A 218 -20.73 23.96 6.71
C TYR A 218 -19.30 23.48 6.51
N LYS A 219 -18.75 22.72 7.49
CA LYS A 219 -17.37 22.28 7.35
C LYS A 219 -17.23 21.32 6.17
N ASP A 220 -18.18 20.40 5.99
CA ASP A 220 -18.09 19.44 4.89
C ASP A 220 -18.21 20.16 3.55
N SER A 221 -19.22 21.03 3.41
CA SER A 221 -19.44 21.76 2.17
C SER A 221 -18.22 22.63 1.81
N THR A 222 -17.67 23.37 2.79
CA THR A 222 -16.57 24.25 2.45
C THR A 222 -15.31 23.48 2.09
N LEU A 223 -15.16 22.26 2.65
CA LEU A 223 -14.00 21.46 2.33
C LEU A 223 -14.00 21.16 0.84
N ILE A 224 -15.16 20.81 0.28
CA ILE A 224 -15.20 20.47 -1.14
C ILE A 224 -15.09 21.73 -1.97
N MET A 225 -15.74 22.81 -1.50
CA MET A 225 -15.63 24.05 -2.23
C MET A 225 -14.18 24.50 -2.37
N GLN A 226 -13.36 24.24 -1.33
CA GLN A 226 -11.95 24.63 -1.36
C GLN A 226 -11.22 23.92 -2.50
N LEU A 227 -11.56 22.66 -2.76
CA LEU A 227 -10.94 21.93 -3.86
C LEU A 227 -11.44 22.46 -5.22
N LEU A 228 -12.73 22.81 -5.36
CA LEU A 228 -13.20 23.48 -6.56
C LEU A 228 -12.38 24.76 -6.80
N ARG A 229 -12.20 25.53 -5.73
CA ARG A 229 -11.46 26.78 -5.87
C ARG A 229 -10.00 26.50 -6.26
N ASP A 230 -9.34 25.55 -5.59
CA ASP A 230 -7.96 25.23 -5.92
C ASP A 230 -7.81 24.74 -7.36
N ASN A 231 -8.75 23.95 -7.87
CA ASN A 231 -8.73 23.57 -9.28
C ASN A 231 -8.88 24.83 -10.14
N LEU A 232 -9.83 25.68 -9.83
CA LEU A 232 -10.02 26.89 -10.64
C LEU A 232 -8.75 27.74 -10.70
N THR A 233 -8.04 27.82 -9.55
CA THR A 233 -6.81 28.60 -9.44
C THR A 233 -5.75 28.05 -10.38
N LEU A 234 -5.74 26.72 -10.49
CA LEU A 234 -4.78 26.04 -11.34
C LEU A 234 -5.19 26.19 -12.81
N TRP A 235 -6.50 26.20 -13.08
CA TRP A 235 -7.00 26.14 -14.45
C TRP A 235 -7.00 27.52 -15.10
N THR A 236 -6.93 28.55 -14.25
CA THR A 236 -6.98 29.93 -14.69
C THR A 236 -5.81 30.63 -14.00
N GLY B 1 6.57 -22.16 -10.64
CA GLY B 1 6.00 -20.86 -10.26
C GLY B 1 5.61 -20.05 -11.49
N ALA B 2 4.85 -18.99 -11.19
CA ALA B 2 4.20 -18.13 -12.17
C ALA B 2 5.24 -17.35 -12.96
N MET B 3 6.46 -17.18 -12.40
CA MET B 3 7.52 -16.45 -13.08
C MET B 3 8.47 -17.35 -13.88
N GLY B 4 8.19 -18.66 -13.94
CA GLY B 4 9.12 -19.59 -14.54
C GLY B 4 9.37 -19.36 -16.04
N SER B 5 8.40 -18.75 -16.73
CA SER B 5 8.59 -18.48 -18.15
C SER B 5 9.24 -17.14 -18.45
N MET B 6 9.53 -16.29 -17.46
CA MET B 6 10.13 -15.00 -17.72
C MET B 6 11.64 -15.05 -17.54
N GLU B 7 12.39 -14.38 -18.41
CA GLU B 7 13.83 -14.31 -18.31
C GLU B 7 14.25 -13.69 -16.99
N ARG B 8 15.34 -14.19 -16.46
CA ARG B 8 15.92 -13.64 -15.26
C ARG B 8 16.12 -12.13 -15.39
N ALA B 9 16.70 -11.66 -16.51
CA ALA B 9 17.01 -10.24 -16.61
C ALA B 9 15.71 -9.42 -16.61
N SER B 10 14.70 -9.94 -17.29
CA SER B 10 13.38 -9.29 -17.37
C SER B 10 12.69 -9.21 -16.00
N LEU B 11 12.88 -10.23 -15.17
CA LEU B 11 12.36 -10.20 -13.81
C LEU B 11 13.06 -9.12 -12.98
N ILE B 12 14.37 -8.97 -13.16
CA ILE B 12 15.11 -7.94 -12.43
C ILE B 12 14.69 -6.57 -12.89
N GLN B 13 14.56 -6.42 -14.22
CA GLN B 13 14.10 -5.16 -14.79
C GLN B 13 12.75 -4.77 -14.20
N LYS B 14 11.85 -5.74 -14.21
CA LYS B 14 10.52 -5.47 -13.73
C LYS B 14 10.47 -5.24 -12.23
N ALA B 15 11.35 -5.88 -11.46
CA ALA B 15 11.45 -5.57 -10.04
C ALA B 15 11.82 -4.09 -9.84
N LYS B 16 12.75 -3.56 -10.66
CA LYS B 16 13.10 -2.14 -10.52
C LYS B 16 11.94 -1.23 -10.91
N LEU B 17 11.19 -1.59 -11.95
CA LEU B 17 10.01 -0.81 -12.31
C LEU B 17 8.93 -0.85 -11.24
N ALA B 18 8.76 -2.02 -10.63
CA ALA B 18 7.77 -2.16 -9.58
C ALA B 18 8.17 -1.30 -8.40
N GLU B 19 9.47 -1.28 -8.04
CA GLU B 19 9.92 -0.40 -6.99
C GLU B 19 9.51 1.06 -7.30
N GLN B 20 9.73 1.50 -8.53
CA GLN B 20 9.46 2.91 -8.89
C GLN B 20 7.97 3.21 -8.77
N ALA B 21 7.16 2.19 -9.05
CA ALA B 21 5.71 2.32 -9.07
C ALA B 21 5.10 2.04 -7.68
N GLU B 22 5.95 1.76 -6.71
CA GLU B 22 5.53 1.40 -5.35
C GLU B 22 4.60 0.20 -5.33
N ARG B 23 4.92 -0.77 -6.17
CA ARG B 23 4.19 -2.01 -6.31
C ARG B 23 5.01 -3.13 -5.68
N TYR B 24 5.07 -3.14 -4.35
CA TYR B 24 6.05 -3.99 -3.69
C TYR B 24 5.64 -5.47 -3.73
N GLU B 25 4.36 -5.80 -3.71
CA GLU B 25 3.95 -7.18 -3.88
C GLU B 25 4.46 -7.69 -5.23
N ASP B 26 4.26 -6.93 -6.30
CA ASP B 26 4.77 -7.32 -7.59
C ASP B 26 6.31 -7.42 -7.53
N MET B 27 6.94 -6.46 -6.89
CA MET B 27 8.40 -6.47 -6.79
C MET B 27 8.89 -7.77 -6.16
N ALA B 28 8.25 -8.16 -5.07
CA ALA B 28 8.64 -9.37 -4.37
C ALA B 28 8.40 -10.61 -5.25
N ALA B 29 7.28 -10.65 -5.99
CA ALA B 29 7.01 -11.79 -6.83
C ALA B 29 8.07 -11.89 -7.95
N PHE B 30 8.49 -10.76 -8.52
CA PHE B 30 9.54 -10.76 -9.53
C PHE B 30 10.84 -11.26 -8.90
N MET B 31 11.23 -10.72 -7.73
CA MET B 31 12.49 -11.15 -7.14
C MET B 31 12.45 -12.62 -6.74
N LYS B 32 11.33 -13.14 -6.24
CA LYS B 32 11.23 -14.54 -5.96
C LYS B 32 11.47 -15.32 -7.25
N GLY B 33 10.83 -14.92 -8.34
CA GLY B 33 11.08 -15.57 -9.62
C GLY B 33 12.56 -15.55 -9.98
N ALA B 34 13.21 -14.40 -9.75
CA ALA B 34 14.62 -14.30 -10.09
C ALA B 34 15.44 -15.27 -9.23
N VAL B 35 15.19 -15.32 -7.92
CA VAL B 35 15.91 -16.27 -7.08
C VAL B 35 15.71 -17.68 -7.61
N GLU B 36 14.49 -18.02 -7.95
CA GLU B 36 14.16 -19.39 -8.33
C GLU B 36 14.80 -19.78 -9.68
N LYS B 37 15.47 -18.86 -10.39
CA LYS B 37 16.25 -19.24 -11.56
C LYS B 37 17.47 -20.06 -11.17
N GLY B 38 17.91 -19.93 -9.90
CA GLY B 38 18.89 -20.85 -9.35
C GLY B 38 20.30 -20.26 -9.34
N GLU B 39 20.48 -19.10 -9.93
CA GLU B 39 21.74 -18.43 -9.94
C GLU B 39 21.88 -17.65 -8.64
N GLU B 40 23.12 -17.45 -8.25
CA GLU B 40 23.42 -16.54 -7.16
C GLU B 40 23.00 -15.11 -7.53
N LEU B 41 22.75 -14.28 -6.52
CA LEU B 41 22.34 -12.89 -6.66
C LEU B 41 23.56 -12.01 -6.46
N SER B 42 23.61 -10.95 -7.26
CA SER B 42 24.57 -9.89 -7.10
C SER B 42 24.22 -9.01 -5.91
N ASN B 43 25.09 -8.06 -5.55
CA ASN B 43 24.85 -7.13 -4.46
C ASN B 43 23.54 -6.38 -4.69
N GLU B 44 23.40 -5.85 -5.89
CA GLU B 44 22.25 -4.99 -6.18
C GLU B 44 20.98 -5.86 -6.14
N GLU B 45 21.06 -7.09 -6.67
CA GLU B 45 19.90 -7.99 -6.68
C GLU B 45 19.50 -8.39 -5.26
N ARG B 46 20.47 -8.64 -4.39
CA ARG B 46 20.17 -8.97 -2.99
C ARG B 46 19.41 -7.83 -2.32
N ASN B 47 19.81 -6.60 -2.63
CA ASN B 47 19.13 -5.43 -2.09
C ASN B 47 17.72 -5.34 -2.63
N LEU B 48 17.48 -5.66 -3.90
CA LEU B 48 16.16 -5.60 -4.45
C LEU B 48 15.26 -6.62 -3.75
N LEU B 49 15.75 -7.81 -3.53
CA LEU B 49 15.00 -8.84 -2.82
C LEU B 49 14.60 -8.34 -1.44
N SER B 50 15.57 -7.79 -0.70
CA SER B 50 15.34 -7.31 0.64
C SER B 50 14.35 -6.16 0.64
N VAL B 51 14.49 -5.18 -0.22
CA VAL B 51 13.55 -4.06 -0.24
C VAL B 51 12.14 -4.54 -0.55
N ALA B 52 11.99 -5.49 -1.47
CA ALA B 52 10.67 -5.92 -1.88
C ALA B 52 9.98 -6.52 -0.68
N TYR B 53 10.61 -7.50 -0.03
CA TYR B 53 9.94 -8.22 1.05
C TYR B 53 9.84 -7.36 2.30
N LYS B 54 10.78 -6.45 2.54
CA LYS B 54 10.66 -5.57 3.71
C LYS B 54 9.38 -4.76 3.59
N ASN B 55 9.10 -4.25 2.40
CA ASN B 55 7.89 -3.46 2.21
C ASN B 55 6.65 -4.33 2.34
N VAL B 56 6.64 -5.52 1.79
CA VAL B 56 5.44 -6.35 1.89
C VAL B 56 5.19 -6.67 3.35
N VAL B 57 6.19 -7.23 4.03
CA VAL B 57 6.02 -7.67 5.41
C VAL B 57 5.78 -6.45 6.29
N GLY B 58 6.39 -5.29 5.96
CA GLY B 58 6.24 -4.09 6.77
C GLY B 58 4.78 -3.66 6.83
N GLY B 59 4.06 -3.71 5.69
CA GLY B 59 2.65 -3.35 5.70
C GLY B 59 1.86 -4.35 6.53
N GLN B 60 2.21 -5.62 6.43
CA GLN B 60 1.50 -6.66 7.17
C GLN B 60 1.74 -6.48 8.68
N ARG B 61 2.96 -6.16 9.09
CA ARG B 61 3.26 -6.00 10.52
C ARG B 61 2.52 -4.78 11.04
N ALA B 62 2.50 -3.70 10.24
CA ALA B 62 1.79 -2.50 10.65
C ALA B 62 0.31 -2.84 10.85
N ALA B 63 -0.27 -3.60 9.94
CA ALA B 63 -1.69 -3.95 10.04
C ALA B 63 -1.95 -4.83 11.26
N TRP B 64 -1.11 -5.83 11.44
CA TRP B 64 -1.19 -6.74 12.58
C TRP B 64 -1.13 -5.98 13.90
N ARG B 65 -0.30 -4.96 13.97
CA ARG B 65 -0.17 -4.25 15.23
C ARG B 65 -1.43 -3.44 15.49
N VAL B 66 -2.02 -2.85 14.46
CA VAL B 66 -3.25 -2.10 14.62
C VAL B 66 -4.31 -3.07 15.15
N LEU B 67 -4.46 -4.22 14.49
CA LEU B 67 -5.52 -5.17 14.80
C LEU B 67 -5.30 -5.77 16.19
N SER B 68 -4.06 -6.11 16.52
CA SER B 68 -3.72 -6.63 17.84
C SER B 68 -4.15 -5.67 18.94
N SER B 69 -3.89 -4.38 18.73
CA SER B 69 -4.20 -3.36 19.71
C SER B 69 -5.71 -3.32 19.90
N ILE B 70 -6.47 -3.38 18.81
CA ILE B 70 -7.93 -3.36 18.90
C ILE B 70 -8.42 -4.58 19.65
N GLU B 71 -7.79 -5.71 19.38
CA GLU B 71 -8.15 -6.97 20.00
C GLU B 71 -7.88 -6.89 21.51
N GLN B 72 -6.70 -6.42 21.89
CA GLN B 72 -6.33 -6.28 23.30
C GLN B 72 -7.37 -5.39 24.00
N LYS B 73 -7.73 -4.27 23.38
CA LYS B 73 -8.64 -3.31 23.97
C LYS B 73 -9.99 -3.97 24.20
N SER B 74 -10.41 -4.85 23.29
CA SER B 74 -11.73 -5.46 23.34
C SER B 74 -11.81 -6.47 24.48
N ASN B 75 -10.64 -6.95 24.93
CA ASN B 75 -10.57 -7.95 26.00
C ASN B 75 -10.34 -7.27 27.35
N GLU B 76 -10.48 -5.94 27.43
CA GLU B 76 -10.31 -5.23 28.70
C GLU B 76 -11.48 -5.55 29.64
N GLU B 77 -11.46 -4.89 30.81
CA GLU B 77 -12.62 -4.73 31.68
C GLU B 77 -13.58 -3.70 31.07
N GLY B 78 -14.88 -4.00 31.16
CA GLY B 78 -15.94 -3.05 30.81
C GLY B 78 -16.18 -2.98 29.30
N SER B 79 -15.38 -3.73 28.53
CA SER B 79 -15.45 -3.71 27.08
C SER B 79 -16.61 -4.56 26.59
N GLU B 80 -17.39 -3.98 25.67
CA GLU B 80 -18.56 -4.63 25.07
C GLU B 80 -18.09 -5.76 24.14
N GLU B 81 -18.77 -6.91 24.24
CA GLU B 81 -18.51 -8.11 23.45
C GLU B 81 -18.87 -7.85 21.98
N LYS B 82 -17.89 -7.96 21.07
CA LYS B 82 -18.14 -7.52 19.71
C LYS B 82 -18.15 -8.70 18.74
N GLY B 83 -17.97 -9.92 19.29
CA GLY B 83 -18.00 -11.13 18.51
C GLY B 83 -16.59 -11.54 18.07
N PRO B 84 -16.46 -12.57 17.21
CA PRO B 84 -15.14 -13.07 16.86
C PRO B 84 -14.38 -12.30 15.78
N GLU B 85 -14.96 -11.23 15.26
CA GLU B 85 -14.48 -10.66 14.01
C GLU B 85 -13.10 -10.06 14.13
N VAL B 86 -12.79 -9.39 15.23
CA VAL B 86 -11.49 -8.76 15.38
C VAL B 86 -10.42 -9.85 15.43
N ARG B 87 -10.62 -10.90 16.22
CA ARG B 87 -9.66 -11.98 16.30
C ARG B 87 -9.54 -12.67 14.95
N GLU B 88 -10.64 -12.94 14.25
CA GLU B 88 -10.57 -13.59 12.97
C GLU B 88 -9.74 -12.79 11.98
N TYR B 89 -9.99 -11.47 11.98
CA TYR B 89 -9.32 -10.62 11.00
C TYR B 89 -7.82 -10.51 11.34
N ARG B 90 -7.50 -10.35 12.62
CA ARG B 90 -6.09 -10.36 13.06
C ARG B 90 -5.43 -11.69 12.65
N GLU B 91 -6.16 -12.80 12.81
CA GLU B 91 -5.65 -14.10 12.45
C GLU B 91 -5.39 -14.15 10.93
N LYS B 92 -6.28 -13.59 10.12
CA LYS B 92 -6.14 -13.61 8.68
C LYS B 92 -4.85 -12.88 8.29
N VAL B 93 -4.68 -11.68 8.85
CA VAL B 93 -3.47 -10.92 8.54
C VAL B 93 -2.25 -11.67 9.07
N GLU B 94 -2.32 -12.27 10.26
CA GLU B 94 -1.21 -13.00 10.84
C GLU B 94 -0.80 -14.13 9.92
N THR B 95 -1.78 -14.88 9.43
CA THR B 95 -1.49 -16.05 8.63
C THR B 95 -0.79 -15.59 7.34
N GLU B 96 -1.26 -14.51 6.76
CA GLU B 96 -0.69 -13.99 5.52
C GLU B 96 0.75 -13.54 5.75
N LEU B 97 1.01 -12.83 6.86
CA LEU B 97 2.36 -12.46 7.29
C LEU B 97 3.27 -13.67 7.47
N GLN B 98 2.79 -14.69 8.13
CA GLN B 98 3.56 -15.88 8.37
C GLN B 98 3.90 -16.54 7.04
N GLY B 99 2.96 -16.51 6.09
CA GLY B 99 3.20 -17.08 4.78
C GLY B 99 4.29 -16.34 4.02
N VAL B 100 4.36 -15.02 4.12
CA VAL B 100 5.41 -14.27 3.46
C VAL B 100 6.74 -14.60 4.14
N CYS B 101 6.78 -14.64 5.47
CA CYS B 101 8.00 -14.99 6.16
C CYS B 101 8.49 -16.37 5.77
N ASP B 102 7.58 -17.32 5.71
CA ASP B 102 7.94 -18.68 5.33
C ASP B 102 8.48 -18.74 3.91
N THR B 103 7.94 -17.89 3.04
CA THR B 103 8.38 -17.84 1.65
C THR B 103 9.82 -17.32 1.61
N VAL B 104 10.11 -16.24 2.33
CA VAL B 104 11.47 -15.67 2.29
C VAL B 104 12.43 -16.67 2.91
N LEU B 105 12.08 -17.29 4.05
CA LEU B 105 12.96 -18.27 4.68
C LEU B 105 13.21 -19.47 3.78
N GLY B 106 12.20 -19.80 2.97
CA GLY B 106 12.37 -20.93 2.06
C GLY B 106 13.35 -20.55 0.93
N LEU B 107 13.31 -19.31 0.43
CA LEU B 107 14.27 -18.90 -0.59
C LEU B 107 15.67 -18.96 0.01
N LEU B 108 15.80 -18.48 1.24
CA LEU B 108 17.11 -18.53 1.87
C LEU B 108 17.64 -19.95 2.08
N ASP B 109 16.74 -20.87 2.41
CA ASP B 109 17.15 -22.25 2.65
C ASP B 109 17.25 -23.04 1.36
N SER B 110 16.65 -22.55 0.28
CA SER B 110 16.62 -23.30 -1.00
C SER B 110 16.87 -22.36 -2.16
N HIS B 111 18.13 -21.94 -2.38
CA HIS B 111 19.36 -22.45 -1.80
C HIS B 111 20.33 -21.29 -1.59
N LEU B 112 19.83 -20.09 -1.28
CA LEU B 112 20.67 -18.90 -1.27
C LEU B 112 21.82 -18.99 -0.26
N ILE B 113 21.53 -19.38 0.98
CA ILE B 113 22.57 -19.42 2.01
C ILE B 113 23.67 -20.42 1.68
N LYS B 114 23.28 -21.63 1.33
CA LYS B 114 24.27 -22.64 1.07
C LYS B 114 25.21 -22.26 -0.05
N GLU B 115 24.79 -21.47 -1.06
CA GLU B 115 25.68 -21.14 -2.18
C GLU B 115 26.46 -19.85 -1.93
N ALA B 116 26.25 -19.21 -0.77
CA ALA B 116 26.80 -17.89 -0.48
C ALA B 116 28.13 -18.09 0.25
N GLY B 117 29.25 -17.90 -0.46
CA GLY B 117 30.56 -18.14 0.12
C GLY B 117 31.27 -16.86 0.54
N ASP B 118 31.01 -15.76 -0.15
CA ASP B 118 31.68 -14.53 0.19
C ASP B 118 31.01 -13.99 1.46
N ALA B 119 31.79 -13.31 2.28
CA ALA B 119 31.26 -12.83 3.54
C ALA B 119 30.08 -11.91 3.30
N GLU B 120 30.15 -11.03 2.31
CA GLU B 120 29.12 -10.01 2.07
C GLU B 120 27.78 -10.69 1.81
N SER B 121 27.77 -11.73 0.98
CA SER B 121 26.53 -12.39 0.61
C SER B 121 26.03 -13.25 1.78
N ARG B 122 26.91 -14.02 2.42
CA ARG B 122 26.50 -14.92 3.47
C ARG B 122 25.93 -14.17 4.66
N VAL B 123 26.60 -13.09 5.08
CA VAL B 123 26.12 -12.25 6.16
C VAL B 123 24.78 -11.64 5.79
N PHE B 124 24.63 -11.13 4.57
CA PHE B 124 23.39 -10.53 4.15
C PHE B 124 22.26 -11.53 4.33
N TYR B 125 22.47 -12.77 3.88
CA TYR B 125 21.39 -13.76 3.90
C TYR B 125 21.06 -14.26 5.30
N LEU B 126 22.07 -14.40 6.14
CA LEU B 126 21.83 -14.79 7.52
C LEU B 126 21.17 -13.66 8.32
N LYS B 127 21.53 -12.40 8.04
CA LYS B 127 20.79 -11.29 8.64
C LYS B 127 19.31 -11.39 8.23
N MET B 128 19.06 -11.65 6.95
CA MET B 128 17.69 -11.74 6.49
C MET B 128 16.97 -12.90 7.21
N LYS B 129 17.64 -14.02 7.39
CA LYS B 129 17.04 -15.16 8.06
C LYS B 129 16.68 -14.78 9.50
N GLY B 130 17.59 -14.07 10.19
CA GLY B 130 17.29 -13.58 11.53
C GLY B 130 16.09 -12.66 11.51
N ASP B 131 16.04 -11.72 10.57
CA ASP B 131 14.96 -10.78 10.53
C ASP B 131 13.62 -11.47 10.33
N TYR B 132 13.53 -12.45 9.42
CA TYR B 132 12.21 -13.04 9.12
C TYR B 132 11.77 -14.02 10.21
N TYR B 133 12.72 -14.69 10.88
CA TYR B 133 12.36 -15.37 12.14
C TYR B 133 11.95 -14.37 13.22
N ARG B 134 12.58 -13.20 13.28
CA ARG B 134 12.13 -12.17 14.25
C ARG B 134 10.68 -11.74 13.94
N TYR B 135 10.35 -11.58 12.66
CA TYR B 135 8.97 -11.19 12.36
C TYR B 135 7.99 -12.30 12.76
N LEU B 136 8.37 -13.54 12.55
CA LEU B 136 7.60 -14.68 13.02
C LEU B 136 7.43 -14.63 14.54
N ALA B 137 8.51 -14.27 15.23
CA ALA B 137 8.49 -14.22 16.69
C ALA B 137 7.58 -13.15 17.21
N GLU B 138 7.45 -12.04 16.49
CA GLU B 138 6.62 -10.93 16.90
C GLU B 138 5.18 -11.42 17.10
N VAL B 139 4.72 -12.40 16.33
CA VAL B 139 3.31 -12.82 16.39
C VAL B 139 3.19 -14.22 16.98
N ALA B 140 4.29 -14.84 17.42
CA ALA B 140 4.26 -16.20 17.93
C ALA B 140 3.76 -16.25 19.38
N THR B 141 3.02 -17.35 19.69
CA THR B 141 2.44 -17.62 21.01
C THR B 141 2.37 -19.12 21.32
N GLY B 142 3.02 -20.00 20.56
CA GLY B 142 2.71 -21.44 20.64
C GLY B 142 3.85 -22.29 21.21
N ASP B 143 3.67 -23.61 21.15
CA ASP B 143 4.65 -24.63 21.56
C ASP B 143 6.04 -24.34 20.96
N ASP B 144 6.07 -23.65 19.81
CA ASP B 144 7.27 -23.52 18.99
C ASP B 144 7.91 -22.14 19.12
N LYS B 145 7.31 -21.25 19.93
CA LYS B 145 7.67 -19.83 20.02
C LYS B 145 9.11 -19.59 20.51
N LYS B 146 9.53 -20.42 21.48
CA LYS B 146 10.91 -20.35 21.95
C LYS B 146 11.82 -20.81 20.83
N ARG B 147 11.39 -21.78 20.02
CA ARG B 147 12.27 -22.30 18.94
C ARG B 147 12.32 -21.20 17.85
N ILE B 148 11.23 -20.41 17.68
CA ILE B 148 11.29 -19.40 16.63
C ILE B 148 12.29 -18.35 17.07
N ILE B 149 12.23 -17.95 18.34
CA ILE B 149 13.15 -16.98 18.88
C ILE B 149 14.57 -17.51 18.77
N ASP B 150 14.78 -18.79 19.08
CA ASP B 150 16.14 -19.29 19.02
C ASP B 150 16.66 -19.34 17.59
N SER B 151 15.77 -19.61 16.64
CA SER B 151 16.14 -19.62 15.24
C SER B 151 16.62 -18.23 14.76
N ALA B 152 15.96 -17.19 15.23
CA ALA B 152 16.40 -15.82 14.89
C ALA B 152 17.77 -15.55 15.51
N ARG B 153 17.91 -15.93 16.77
N ARG B 153 17.91 -15.93 16.77
CA ARG B 153 19.18 -15.69 17.52
CA ARG B 153 19.18 -15.69 17.52
C ARG B 153 20.34 -16.44 16.86
C ARG B 153 20.34 -16.44 16.86
N SER B 154 20.12 -17.69 16.48
CA SER B 154 21.18 -18.52 15.86
C SER B 154 21.60 -17.89 14.52
N ALA B 155 20.63 -17.49 13.70
CA ALA B 155 21.00 -16.89 12.43
C ALA B 155 21.76 -15.59 12.63
N TYR B 156 21.24 -14.71 13.49
CA TYR B 156 21.94 -13.46 13.75
C TYR B 156 23.35 -13.73 14.29
N GLN B 157 23.47 -14.72 15.19
CA GLN B 157 24.77 -14.96 15.82
C GLN B 157 25.78 -15.45 14.79
N GLU B 158 25.37 -16.36 13.91
CA GLU B 158 26.26 -16.82 12.86
C GLU B 158 26.69 -15.67 11.95
N ALA B 159 25.76 -14.78 11.62
CA ALA B 159 26.08 -13.60 10.79
C ALA B 159 27.07 -12.70 11.52
N MET B 160 26.86 -12.53 12.85
CA MET B 160 27.71 -11.66 13.65
C MET B 160 29.12 -12.24 13.68
N ASP B 161 29.21 -13.55 13.84
CA ASP B 161 30.53 -14.16 13.95
C ASP B 161 31.29 -13.95 12.64
N ILE B 162 30.63 -14.13 11.47
CA ILE B 162 31.31 -13.96 10.20
C ILE B 162 31.66 -12.49 10.03
N SER B 163 30.74 -11.58 10.37
CA SER B 163 30.92 -10.18 10.05
C SER B 163 32.12 -9.66 10.84
N LYS B 164 32.29 -10.10 12.09
CA LYS B 164 33.39 -9.60 12.91
C LYS B 164 34.73 -10.10 12.41
N LYS B 165 34.75 -11.28 11.80
CA LYS B 165 35.96 -11.87 11.27
C LYS B 165 36.32 -11.27 9.92
N GLU B 166 35.32 -11.01 9.08
CA GLU B 166 35.56 -10.79 7.67
C GLU B 166 35.28 -9.37 7.17
N MET B 167 34.61 -8.50 7.92
CA MET B 167 34.19 -7.19 7.46
C MET B 167 34.71 -6.12 8.42
N PRO B 168 35.00 -4.91 7.91
CA PRO B 168 35.38 -3.80 8.76
C PRO B 168 34.17 -3.36 9.58
N PRO B 169 34.43 -2.69 10.72
CA PRO B 169 33.37 -2.27 11.62
C PRO B 169 32.41 -1.27 11.04
N THR B 170 32.79 -0.60 9.93
CA THR B 170 31.88 0.32 9.29
C THR B 170 31.08 -0.31 8.15
N ASN B 171 31.31 -1.59 7.80
CA ASN B 171 30.59 -2.15 6.68
C ASN B 171 29.08 -1.98 6.91
N PRO B 172 28.29 -1.44 5.97
CA PRO B 172 26.88 -1.22 6.22
C PRO B 172 26.05 -2.45 6.53
N ILE B 173 26.42 -3.59 5.93
CA ILE B 173 25.73 -4.84 6.25
C ILE B 173 26.06 -5.25 7.69
N ARG B 174 27.34 -5.22 8.05
CA ARG B 174 27.70 -5.48 9.48
C ARG B 174 26.92 -4.53 10.41
N LEU B 175 26.84 -3.24 10.06
CA LEU B 175 26.17 -2.30 10.91
C LEU B 175 24.68 -2.61 10.99
N GLY B 176 24.05 -2.81 9.83
CA GLY B 176 22.62 -3.09 9.87
C GLY B 176 22.30 -4.40 10.59
N LEU B 177 23.13 -5.42 10.42
CA LEU B 177 22.99 -6.65 11.19
C LEU B 177 23.00 -6.35 12.69
N ALA B 178 24.02 -5.63 13.14
CA ALA B 178 24.15 -5.36 14.57
C ALA B 178 22.95 -4.55 15.05
N LEU B 179 22.51 -3.56 14.28
CA LEU B 179 21.30 -2.81 14.58
C LEU B 179 20.10 -3.75 14.78
N ASN B 180 19.86 -4.61 13.80
CA ASN B 180 18.70 -5.49 13.88
C ASN B 180 18.81 -6.52 15.01
N PHE B 181 20.03 -7.00 15.27
CA PHE B 181 20.23 -7.95 16.35
C PHE B 181 20.01 -7.24 17.70
N SER B 182 20.34 -5.96 17.79
CA SER B 182 20.06 -5.21 19.01
C SER B 182 18.54 -5.03 19.19
N VAL B 183 17.82 -4.82 18.10
CA VAL B 183 16.37 -4.75 18.19
C VAL B 183 15.78 -6.08 18.61
N PHE B 184 16.28 -7.18 18.06
CA PHE B 184 15.92 -8.53 18.52
C PHE B 184 16.10 -8.63 20.05
N HIS B 185 17.25 -8.20 20.56
CA HIS B 185 17.50 -8.33 21.99
C HIS B 185 16.52 -7.49 22.78
N TYR B 186 16.20 -6.27 22.33
CA TYR B 186 15.36 -5.39 23.12
C TYR B 186 13.90 -5.85 23.07
N GLU B 187 13.41 -6.15 21.85
CA GLU B 187 11.99 -6.32 21.57
C GLU B 187 11.55 -7.77 21.67
N ILE B 188 12.45 -8.72 21.38
CA ILE B 188 12.03 -10.10 21.27
C ILE B 188 12.52 -10.91 22.47
N ALA B 189 13.82 -10.75 22.80
CA ALA B 189 14.48 -11.63 23.74
C ALA B 189 14.41 -11.10 25.19
N ASN B 190 13.78 -9.98 25.41
CA ASN B 190 13.65 -9.42 26.77
C ASN B 190 15.05 -9.18 27.36
N SER B 191 15.97 -8.65 26.54
CA SER B 191 17.37 -8.48 26.93
C SER B 191 17.77 -7.05 26.63
N PRO B 192 17.17 -6.04 27.27
CA PRO B 192 17.48 -4.65 26.96
C PRO B 192 18.96 -4.34 27.20
N GLU B 193 19.58 -4.88 28.25
CA GLU B 193 20.96 -4.53 28.47
C GLU B 193 21.85 -5.07 27.36
N GLU B 194 21.57 -6.28 26.82
CA GLU B 194 22.34 -6.83 25.70
C GLU B 194 22.14 -5.95 24.48
N ALA B 195 20.92 -5.49 24.27
CA ALA B 195 20.60 -4.56 23.18
C ALA B 195 21.44 -3.29 23.25
N ILE B 196 21.49 -2.69 24.43
CA ILE B 196 22.17 -1.44 24.67
C ILE B 196 23.68 -1.67 24.49
N SER B 197 24.21 -2.73 25.07
CA SER B 197 25.63 -3.00 24.97
C SER B 197 26.04 -3.18 23.52
N LEU B 198 25.27 -4.01 22.81
CA LEU B 198 25.57 -4.24 21.40
C LEU B 198 25.53 -2.96 20.56
N ALA B 199 24.51 -2.14 20.75
CA ALA B 199 24.42 -0.92 19.97
C ALA B 199 25.57 0.03 20.26
N LYS B 200 25.96 0.16 21.54
CA LYS B 200 27.04 1.01 21.96
C LYS B 200 28.38 0.52 21.39
N THR B 201 28.70 -0.75 21.56
CA THR B 201 29.96 -1.28 21.07
C THR B 201 30.02 -1.13 19.55
N THR B 202 28.89 -1.34 18.85
CA THR B 202 28.89 -1.25 17.40
C THR B 202 29.18 0.19 16.99
N PHE B 203 28.48 1.14 17.61
CA PHE B 203 28.62 2.55 17.31
C PHE B 203 30.07 2.95 17.50
N ASP B 204 30.68 2.55 18.62
CA ASP B 204 31.98 3.06 18.98
C ASP B 204 33.04 2.50 18.06
N GLU B 205 32.88 1.25 17.69
CA GLU B 205 33.88 0.59 16.85
C GLU B 205 33.76 1.10 15.41
N ALA B 206 32.53 1.46 14.98
CA ALA B 206 32.34 2.12 13.70
C ALA B 206 32.97 3.53 13.68
N MET B 207 32.73 4.31 14.74
CA MET B 207 33.27 5.65 14.84
C MET B 207 34.77 5.60 14.61
N ALA B 208 35.45 4.66 15.25
CA ALA B 208 36.89 4.60 15.22
C ALA B 208 37.42 4.19 13.84
N ASP B 209 36.55 3.68 12.93
CA ASP B 209 37.02 3.25 11.63
C ASP B 209 36.56 4.24 10.53
N LEU B 210 35.80 5.27 10.84
CA LEU B 210 35.28 6.18 9.81
C LEU B 210 36.43 6.85 9.05
N HIS B 211 37.60 7.03 9.68
CA HIS B 211 38.70 7.77 9.10
C HIS B 211 39.21 7.09 7.85
N THR B 212 38.84 5.80 7.66
CA THR B 212 39.39 4.98 6.58
C THR B 212 38.57 5.15 5.31
N LEU B 213 37.40 5.78 5.42
CA LEU B 213 36.38 5.75 4.40
C LEU B 213 36.45 6.93 3.45
N SER B 214 35.99 6.67 2.23
CA SER B 214 35.65 7.72 1.28
C SER B 214 34.41 8.45 1.75
N GLU B 215 34.16 9.61 1.15
CA GLU B 215 32.97 10.38 1.49
C GLU B 215 31.70 9.54 1.30
N ASP B 216 31.61 8.76 0.24
CA ASP B 216 30.38 8.02 -0.06
C ASP B 216 30.18 6.85 0.91
N SER B 217 31.25 6.15 1.27
CA SER B 217 31.15 5.10 2.27
C SER B 217 30.77 5.71 3.64
N TYR B 218 31.37 6.86 3.96
CA TYR B 218 31.11 7.54 5.20
C TYR B 218 29.63 7.84 5.35
N LYS B 219 28.99 8.32 4.26
CA LYS B 219 27.60 8.70 4.32
C LYS B 219 26.75 7.48 4.71
N ASP B 220 26.98 6.34 4.07
CA ASP B 220 26.20 5.15 4.40
C ASP B 220 26.43 4.67 5.83
N SER B 221 27.70 4.54 6.23
CA SER B 221 27.98 4.09 7.59
C SER B 221 27.35 5.01 8.62
N THR B 222 27.50 6.35 8.45
CA THR B 222 26.99 7.24 9.47
C THR B 222 25.47 7.23 9.51
N LEU B 223 24.81 6.92 8.38
CA LEU B 223 23.36 6.86 8.39
C LEU B 223 22.90 5.75 9.34
N ILE B 224 23.54 4.59 9.31
CA ILE B 224 23.13 3.49 10.19
C ILE B 224 23.56 3.76 11.62
N MET B 225 24.73 4.38 11.78
CA MET B 225 25.16 4.75 13.11
C MET B 225 24.15 5.66 13.77
N GLN B 226 23.57 6.58 13.00
CA GLN B 226 22.60 7.51 13.55
C GLN B 226 21.41 6.77 14.13
N LEU B 227 20.99 5.69 13.47
CA LEU B 227 19.86 4.92 13.99
C LEU B 227 20.28 4.12 15.23
N LEU B 228 21.51 3.59 15.30
CA LEU B 228 22.01 3.03 16.56
C LEU B 228 21.89 4.05 17.68
N ARG B 229 22.39 5.25 17.44
CA ARG B 229 22.41 6.32 18.43
C ARG B 229 20.98 6.64 18.85
N ASP B 230 20.09 6.78 17.88
CA ASP B 230 18.72 7.14 18.21
C ASP B 230 18.04 6.06 19.04
N ASN B 231 18.31 4.79 18.75
CA ASN B 231 17.80 3.73 19.58
C ASN B 231 18.40 3.84 20.97
N LEU B 232 19.72 4.03 21.08
CA LEU B 232 20.33 4.19 22.40
C LEU B 232 19.71 5.33 23.19
N THR B 233 19.40 6.44 22.53
CA THR B 233 18.78 7.61 23.19
C THR B 233 17.45 7.19 23.81
N LEU B 234 16.68 6.43 23.03
CA LEU B 234 15.37 5.97 23.44
C LEU B 234 15.50 4.98 24.61
N TRP B 235 16.51 4.11 24.58
CA TRP B 235 16.62 2.96 25.48
C TRP B 235 17.24 3.34 26.82
N THR B 236 17.81 4.55 26.88
CA THR B 236 18.54 5.00 28.05
C THR B 236 18.05 6.39 28.40
N CYS C 5 11.96 2.02 18.94
CA CYS C 5 13.26 1.80 18.27
C CYS C 5 13.04 1.43 16.80
N GLY C 6 14.02 1.79 15.95
CA GLY C 6 14.01 1.48 14.54
C GLY C 6 14.96 0.33 14.21
N LEU C 8 16.86 -1.60 10.58
CA LEU C 8 17.57 -1.14 9.39
C LEU C 8 16.60 -0.69 8.30
N GLY C 9 15.59 -1.53 8.02
CA GLY C 9 14.64 -1.24 6.95
C GLY C 9 13.96 0.11 7.06
N ASN C 10 13.95 0.73 8.23
CA ASN C 10 13.23 1.97 8.46
C ASN C 10 14.04 3.15 7.92
N ILE C 11 15.34 2.98 7.71
CA ILE C 11 16.18 4.10 7.29
C ILE C 11 15.78 4.43 5.84
N HIS C 12 15.63 5.68 5.46
CA HIS C 12 15.39 6.02 4.03
C HIS C 12 16.69 5.92 3.22
N HIS C 13 16.71 5.11 2.15
CA HIS C 13 17.86 4.95 1.22
C HIS C 13 18.98 4.10 1.83
N CYS D 5 -4.94 19.14 -11.04
CA CYS D 5 -6.24 19.24 -10.34
C CYS D 5 -6.50 18.00 -9.51
N GLY D 6 -7.28 18.18 -8.44
CA GLY D 6 -7.76 17.10 -7.61
C GLY D 6 -9.24 16.77 -7.84
N LEU D 8 -12.55 14.42 -5.88
CA LEU D 8 -13.11 14.32 -4.54
C LEU D 8 -12.25 13.43 -3.63
N GLY D 9 -11.88 12.26 -4.16
CA GLY D 9 -11.15 11.26 -3.39
C GLY D 9 -9.90 11.79 -2.72
N ASN D 10 -9.30 12.83 -3.28
CA ASN D 10 -8.07 13.39 -2.80
C ASN D 10 -8.26 14.11 -1.46
N ILE D 11 -9.49 14.50 -1.18
CA ILE D 11 -9.78 15.23 0.08
C ILE D 11 -9.69 14.27 1.28
N HIS D 12 -8.97 14.67 2.31
CA HIS D 12 -8.85 13.86 3.55
C HIS D 12 -10.19 13.85 4.30
N HIS D 13 -10.95 12.76 4.26
CA HIS D 13 -12.22 12.59 5.02
C HIS D 13 -13.07 13.87 5.03
#